data_3SKL
#
_entry.id   3SKL
#
_cell.length_a   98.002
_cell.length_b   34.955
_cell.length_c   111.057
_cell.angle_alpha   90.00
_cell.angle_beta   92.45
_cell.angle_gamma   90.00
#
_symmetry.space_group_name_H-M   'C 1 2 1'
#
loop_
_entity.id
_entity.type
_entity.pdbx_description
1 polymer 'RNA (66-MER)'
2 non-polymer "2'-DEOXY-GUANOSINE"
3 non-polymer 'MAGNESIUM ION'
4 non-polymer 'IRIDIUM HEXAMMINE ION'
5 water water
#
_entity_poly.entity_id   1
_entity_poly.type   'polyribonucleotide'
_entity_poly.pdbx_seq_one_letter_code
;(GTP)GCUUAUACAGGGUAGCAUAAUGGGCUACUGACCCCGCCUUCAAACCUAUUUGGAGACUAUAAGU(CCC)
;
_entity_poly.pdbx_strand_id   A,B
#
loop_
_chem_comp.id
_chem_comp.type
_chem_comp.name
_chem_comp.formula
A RNA linking ADENOSINE-5'-MONOPHOSPHATE 'C10 H14 N5 O7 P'
C RNA linking CYTIDINE-5'-MONOPHOSPHATE 'C9 H14 N3 O8 P'
CCC RNA linking 'CYTIDINE-5'-PHOSPHATE-2',3'-CYCLIC PHOSPHATE' 'C9 H13 N3 O10 P2'
G RNA linking GUANOSINE-5'-MONOPHOSPHATE 'C10 H14 N5 O8 P'
GNG non-polymer 2'-DEOXY-GUANOSINE 'C10 H13 N5 O4'
GTP non-polymer GUANOSINE-5'-TRIPHOSPHATE 'C10 H16 N5 O14 P3'
IRI non-polymer 'IRIDIUM HEXAMMINE ION' 'H18 Ir N6 3'
MG non-polymer 'MAGNESIUM ION' 'Mg 2'
U RNA linking URIDINE-5'-MONOPHOSPHATE 'C9 H13 N2 O9 P'
#
# COMPACT_ATOMS: atom_id res chain seq x y z
PG GTP A 1 22.62 10.97 -6.21
O1G GTP A 1 23.58 11.09 -7.38
O2G GTP A 1 23.06 9.86 -5.28
O3G GTP A 1 21.23 10.70 -6.74
O3B GTP A 1 22.68 12.37 -5.41
PB GTP A 1 21.45 12.93 -4.51
O1B GTP A 1 20.13 12.68 -5.21
O2B GTP A 1 21.67 14.41 -4.31
O3A GTP A 1 21.53 12.12 -3.12
PA GTP A 1 20.34 11.15 -2.61
O1A GTP A 1 20.85 10.26 -1.50
O2A GTP A 1 19.80 10.33 -3.75
O5' GTP A 1 19.20 12.14 -2.04
C5' GTP A 1 18.37 11.73 -0.98
C4' GTP A 1 17.45 12.83 -0.49
O4' GTP A 1 17.95 14.13 -0.76
C3' GTP A 1 16.09 12.80 -1.18
O3' GTP A 1 15.20 11.90 -0.54
C2' GTP A 1 15.58 14.24 -1.16
O2' GTP A 1 15.04 14.57 0.09
C1' GTP A 1 16.93 14.95 -1.32
N9 GTP A 1 17.18 15.18 -2.76
C8 GTP A 1 18.23 14.66 -3.49
N7 GTP A 1 18.12 15.08 -4.77
C5 GTP A 1 17.03 15.86 -4.87
C6 GTP A 1 16.48 16.54 -5.96
O6 GTP A 1 17.02 16.48 -7.06
N1 GTP A 1 15.34 17.29 -5.77
C2 GTP A 1 14.75 17.35 -4.52
N2 GTP A 1 13.64 18.07 -4.34
N3 GTP A 1 15.31 16.68 -3.45
C4 GTP A 1 16.43 15.93 -3.63
PC CCC A 66 9.48 24.20 -6.86
O1C CCC A 66 10.31 25.46 -6.80
O2C CCC A 66 8.45 24.16 -5.74
P CCC A 66 10.07 22.76 -13.48
OP1 CCC A 66 9.08 23.76 -14.03
OP2 CCC A 66 11.53 22.85 -13.85
O5' CCC A 66 9.97 22.79 -11.87
C5' CCC A 66 8.71 22.59 -11.21
C4' CCC A 66 8.94 22.25 -9.75
O4' CCC A 66 9.79 21.10 -9.67
C3' CCC A 66 9.69 23.37 -9.04
O3' CCC A 66 8.75 24.10 -8.26
C2' CCC A 66 10.71 22.66 -8.15
O2' CCC A 66 10.44 22.91 -6.77
C1' CCC A 66 10.49 21.17 -8.43
N1 CCC A 66 11.75 20.46 -8.57
C2 CCC A 66 12.16 19.64 -7.61
O2 CCC A 66 11.50 19.47 -6.59
N3 CCC A 66 13.31 19.01 -7.78
C4 CCC A 66 13.96 19.24 -8.92
N4 CCC A 66 15.12 18.65 -9.15
C5 CCC A 66 13.48 20.05 -9.77
C6 CCC A 66 12.43 20.61 -9.59
PG GTP B 1 -18.56 -10.70 0.57
O1G GTP B 1 -19.56 -9.65 0.14
O2G GTP B 1 -17.72 -11.11 -0.62
O3G GTP B 1 -19.27 -11.92 1.10
O3B GTP B 1 -17.60 -10.05 1.72
PB GTP B 1 -17.48 -10.60 3.24
O1B GTP B 1 -16.12 -10.27 3.79
O2B GTP B 1 -17.73 -12.09 3.33
O3A GTP B 1 -18.61 -9.78 4.05
PA GTP B 1 -20.19 -10.03 3.84
O1A GTP B 1 -20.43 -11.49 3.57
O2A GTP B 1 -20.73 -9.18 2.72
O5' GTP B 1 -20.84 -9.62 5.25
C5' GTP B 1 -22.19 -9.20 5.32
C4' GTP B 1 -22.82 -9.59 6.65
O4' GTP B 1 -23.01 -10.98 6.74
C3' GTP B 1 -21.96 -9.25 7.85
O3' GTP B 1 -22.13 -7.92 8.27
C2' GTP B 1 -22.39 -10.24 8.94
O2' GTP B 1 -23.60 -9.81 9.54
C1' GTP B 1 -22.67 -11.45 8.04
N9 GTP B 1 -21.44 -12.24 8.01
C8 GTP B 1 -20.62 -12.46 6.93
N7 GTP B 1 -19.58 -13.23 7.33
C5 GTP B 1 -19.72 -13.50 8.64
C6 GTP B 1 -18.95 -14.23 9.54
O6 GTP B 1 -17.91 -14.79 9.16
N1 GTP B 1 -19.36 -14.34 10.86
C2 GTP B 1 -20.52 -13.72 11.29
N2 GTP B 1 -20.92 -13.82 12.54
N3 GTP B 1 -21.27 -12.99 10.38
C4 GTP B 1 -20.88 -12.89 9.09
PC CCC B 66 -20.95 -17.82 18.18
O1C CCC B 66 -21.58 -19.17 17.92
O2C CCC B 66 -21.93 -16.85 18.82
P CCC B 66 -14.28 -19.27 18.78
OP1 CCC B 66 -14.31 -19.60 20.26
OP2 CCC B 66 -13.94 -20.36 17.78
O5' CCC B 66 -15.69 -18.63 18.38
C5' CCC B 66 -16.36 -17.75 19.27
C4' CCC B 66 -17.50 -17.08 18.54
O4' CCC B 66 -17.01 -16.59 17.29
C3' CCC B 66 -18.60 -18.09 18.18
O3' CCC B 66 -19.67 -17.98 19.11
C2' CCC B 66 -19.06 -17.63 16.79
O2' CCC B 66 -20.42 -17.19 16.81
C1' CCC B 66 -18.16 -16.45 16.45
N1 CCC B 66 -17.79 -16.48 15.04
C2 CCC B 66 -18.42 -15.68 14.19
O2 CCC B 66 -19.30 -14.91 14.56
N3 CCC B 66 -18.07 -15.73 12.92
C4 CCC B 66 -17.12 -16.59 12.60
N4 CCC B 66 -16.74 -16.69 11.33
C5 CCC B 66 -16.59 -17.31 13.49
C6 CCC B 66 -16.92 -17.25 14.64
O5' GNG C . 18.73 -4.43 -11.57
C5' GNG C . 19.65 -3.62 -10.81
C4' GNG C . 20.02 -4.34 -9.51
O4' GNG C . 18.86 -4.48 -8.70
C1' GNG C . 18.49 -5.85 -8.53
N9 GNG C . 17.07 -5.99 -8.96
C8 GNG C . 16.61 -6.33 -10.18
N7 GNG C . 15.26 -6.31 -10.15
C5 GNG C . 14.89 -5.94 -8.91
C4 GNG C . 16.04 -5.74 -8.18
N3 GNG C . 15.96 -5.37 -6.89
C2 GNG C . 14.78 -5.17 -6.28
N1 GNG C . 13.61 -5.34 -6.94
C6 GNG C . 13.59 -5.71 -8.23
O6 GNG C . 12.50 -5.88 -8.83
N2 GNG C . 14.78 -4.80 -4.98
C2' GNG C . 19.45 -6.69 -9.35
C3' GNG C . 20.56 -5.74 -9.75
O3' GNG C . 21.68 -5.96 -8.88
MG MG D . 19.53 9.71 -6.49
IR IRI E . -2.94 -24.34 -1.96
N1 IRI E . -4.60 -24.20 -0.82
N2 IRI E . -3.37 -22.56 -2.83
N3 IRI E . -1.27 -24.48 -3.10
N4 IRI E . -2.50 -26.12 -1.09
N5 IRI E . -1.88 -23.37 -0.52
N6 IRI E . -4.00 -25.31 -3.40
IR IRI F . 4.25 -14.44 -10.05
N1 IRI F . 2.42 -13.98 -9.34
N2 IRI F . 3.98 -13.16 -11.59
N3 IRI F . 6.10 -14.89 -10.77
N4 IRI F . 4.54 -15.72 -8.51
N5 IRI F . 5.05 -12.94 -8.95
N6 IRI F . 3.46 -15.93 -11.16
IR IRI G . 13.63 -15.37 2.10
N1 IRI G . 13.97 -13.71 1.00
N2 IRI G . 14.99 -14.73 3.47
N3 IRI G . 13.29 -17.03 3.21
N4 IRI G . 12.27 -16.00 0.75
N5 IRI G . 12.17 -14.40 3.12
N6 IRI G . 15.09 -16.34 1.10
IR IRI H . 26.65 -10.49 -6.42
N1 IRI H . 27.93 -9.35 -5.34
N2 IRI H . 25.19 -10.13 -5.06
N3 IRI H . 25.37 -11.63 -7.50
N4 IRI H . 28.12 -10.85 -7.78
N5 IRI H . 26.09 -8.85 -7.47
N6 IRI H . 27.21 -12.12 -5.37
IR IRI I . 13.55 -27.34 -13.22
N1 IRI I . 12.04 -26.05 -12.76
N2 IRI I . 12.68 -27.71 -15.01
N3 IRI I . 15.04 -28.62 -13.68
N4 IRI I . 14.41 -26.97 -11.42
N5 IRI I . 14.60 -25.82 -14.05
N6 IRI I . 12.49 -28.86 -12.40
O5' GNG J . -6.27 -0.09 -1.23
C5' GNG J . -7.44 -0.80 -1.67
C4' GNG J . -8.52 0.17 -2.19
O4' GNG J . -9.07 0.91 -1.10
C1' GNG J . -8.78 2.32 -1.22
N9 GNG J . -8.11 2.78 0.02
C8 GNG J . -6.80 2.80 0.31
N7 GNG J . -6.62 3.28 1.56
C5 GNG J . -7.84 3.56 2.05
C4 GNG J . -8.77 3.24 1.08
N3 GNG J . -10.08 3.43 1.32
C2 GNG J . -10.52 3.92 2.49
N1 GNG J . -9.67 4.25 3.49
C6 GNG J . -8.34 4.10 3.34
O6 GNG J . -7.55 4.41 4.25
N2 GNG J . -11.86 4.08 2.65
C2' GNG J . -7.90 2.51 -2.45
C3' GNG J . -7.95 1.18 -3.17
O3' GNG J . -8.85 1.29 -4.27
MG MG K . -5.49 5.40 5.34
MG MG L . -15.21 -13.15 9.15
MG MG M . 3.52 21.50 -5.41
MG MG N . -5.77 14.26 -4.41
MG MG O . 3.55 34.99 1.26
IR IRI P . -10.49 3.86 -10.34
N1 IRI P . -10.31 5.85 -10.65
N2 IRI P . -11.78 4.21 -8.81
N3 IRI P . -10.67 1.87 -10.04
N4 IRI P . -9.21 3.50 -11.87
N5 IRI P . -12.05 3.81 -11.64
N6 IRI P . -8.94 3.90 -9.04
IR IRI Q . -17.45 11.70 6.12
N1 IRI Q . -17.77 12.48 4.27
N2 IRI Q . -18.30 13.34 6.96
N3 IRI Q . -17.14 10.91 7.97
N4 IRI Q . -16.61 10.06 5.28
N5 IRI Q . -19.27 10.80 6.06
N6 IRI Q . -15.64 12.60 6.19
IR IRI R . -3.36 27.28 11.16
N1 IRI R . -1.47 27.48 10.44
N2 IRI R . -2.63 27.41 13.05
N3 IRI R . -5.24 27.09 11.89
N4 IRI R . -4.09 27.14 9.27
N5 IRI R . -3.58 29.29 11.10
N6 IRI R . -3.13 25.27 11.21
IR IRI S . -2.24 5.25 9.70
N1 IRI S . -2.90 3.45 10.34
N2 IRI S . -2.82 6.09 11.45
N3 IRI S . -1.57 7.06 9.06
N4 IRI S . -1.65 4.41 7.96
N5 IRI S . -0.42 4.87 10.49
N6 IRI S . -4.06 5.64 8.90
IR IRI T . -13.73 16.36 -0.14
N1 IRI T . -15.65 15.72 -0.26
N2 IRI T . -13.14 14.47 0.28
N3 IRI T . -11.81 17.01 -0.04
N4 IRI T . -14.34 18.24 -0.56
N5 IRI T . -13.50 15.98 -2.12
N6 IRI T . -13.97 16.73 1.84
#